data_3BPB
#
_entry.id   3BPB
#
_cell.length_a   86.258
_cell.length_b   127.532
_cell.length_c   47.339
_cell.angle_alpha   90.000
_cell.angle_beta   90.000
_cell.angle_gamma   90.000
#
_symmetry.space_group_name_H-M   'P 21 21 2'
#
loop_
_entity.id
_entity.type
_entity.pdbx_description
1 polymer 'dimethylarginine dimethylaminohydrolase'
2 non-polymer N~5~-[(E)-imino(methylsulfanyl)methyl]-L-ornithine
3 water water
#
_entity_poly.entity_id   1
_entity_poly.type   'polypeptide(L)'
_entity_poly.pdbx_seq_one_letter_code
;MFKHIIARTPARSLVDGLTSSHLGKPDYAKALEQHNAYIRALQTCDVDITLLPPDERFPDSVFVEDPVLCTSRCAIITRP
GAESRRGETEIIEETVQRFYPGKVERIEAPGTVEAGDIMMVGDHFYIGESARTNAEGARQMIAILEKHGLSGSVVRLEKV
LGLKTGLAYLEHNNLLAAGEFVSKPEFQDFNIIEIPEEESYAANCIWVNERVIMPAGYPRTREKIARLGYRVIEVDTSEY
RKIDGGVSCMSLRF
;
_entity_poly.pdbx_strand_id   A,B
#
loop_
_chem_comp.id
_chem_comp.type
_chem_comp.name
_chem_comp.formula
SMZ non-polymer N~5~-[(E)-imino(methylsulfanyl)methyl]-L-ornithine 'C7 H15 N3 O2 S'
#
# COMPACT_ATOMS: atom_id res chain seq x y z
N MET A 1 15.67 7.49 -8.99
CA MET A 1 14.37 7.85 -8.39
C MET A 1 13.39 6.70 -8.38
N PHE A 2 12.80 6.46 -7.22
CA PHE A 2 11.84 5.38 -7.01
C PHE A 2 10.40 5.83 -7.09
N LYS A 3 9.56 5.00 -7.69
CA LYS A 3 8.16 5.33 -7.80
C LYS A 3 7.32 4.31 -7.02
N HIS A 4 7.93 3.19 -6.66
CA HIS A 4 7.19 2.16 -5.92
C HIS A 4 7.94 1.46 -4.80
N ILE A 5 7.15 1.03 -3.81
CA ILE A 5 7.66 0.29 -2.68
C ILE A 5 6.75 -0.91 -2.49
N ILE A 6 7.32 -2.02 -2.02
CA ILE A 6 6.54 -3.20 -1.76
C ILE A 6 6.93 -3.70 -0.37
N ALA A 7 5.94 -3.96 0.47
CA ALA A 7 6.21 -4.45 1.82
C ALA A 7 5.13 -5.46 2.13
N ARG A 8 5.38 -6.31 3.12
CA ARG A 8 4.40 -7.32 3.50
C ARG A 8 4.27 -7.24 4.99
N THR A 9 3.04 -7.33 5.47
CA THR A 9 2.76 -7.26 6.90
C THR A 9 3.34 -8.47 7.63
N PRO A 10 3.99 -8.23 8.79
CA PRO A 10 4.59 -9.30 9.59
C PRO A 10 3.64 -10.40 10.09
N ALA A 11 3.97 -11.66 9.81
CA ALA A 11 3.15 -12.78 10.24
C ALA A 11 3.32 -12.98 11.74
N ARG A 12 2.35 -13.60 12.39
CA ARG A 12 2.44 -13.83 13.82
C ARG A 12 3.54 -14.83 14.09
N SER A 13 3.68 -15.79 13.20
CA SER A 13 4.71 -16.81 13.35
C SER A 13 6.06 -16.16 13.20
N LEU A 14 6.07 -14.83 13.26
CA LEU A 14 7.31 -14.05 13.14
C LEU A 14 8.28 -14.37 14.28
N VAL A 15 7.75 -14.76 15.42
CA VAL A 15 8.59 -15.08 16.57
C VAL A 15 9.52 -16.25 16.22
N ASP A 16 9.08 -17.08 15.29
CA ASP A 16 9.87 -18.23 14.86
C ASP A 16 10.57 -17.94 13.54
N GLY A 17 11.16 -16.74 13.46
CA GLY A 17 11.88 -16.33 12.26
C GLY A 17 13.26 -16.95 12.29
N LEU A 18 14.02 -16.80 11.21
CA LEU A 18 15.36 -17.38 11.15
C LEU A 18 16.45 -16.48 11.74
N THR A 19 16.60 -16.54 13.05
CA THR A 19 17.62 -15.75 13.71
C THR A 19 18.91 -16.55 13.70
N SER A 20 19.96 -15.92 14.20
CA SER A 20 21.27 -16.57 14.29
C SER A 20 22.00 -15.90 15.45
N SER A 21 21.21 -15.36 16.37
CA SER A 21 21.77 -14.69 17.53
C SER A 21 20.89 -14.91 18.73
N HIS A 22 21.45 -14.68 19.90
CA HIS A 22 20.71 -14.82 21.14
C HIS A 22 20.28 -13.41 21.57
N LEU A 23 19.62 -12.72 20.64
CA LEU A 23 19.13 -11.37 20.87
C LEU A 23 17.72 -11.49 21.41
N GLY A 24 17.25 -12.73 21.54
CA GLY A 24 15.92 -12.97 22.04
C GLY A 24 14.92 -13.08 20.91
N LYS A 25 13.70 -13.49 21.25
CA LYS A 25 12.65 -13.63 20.26
C LYS A 25 11.94 -12.29 20.10
N PRO A 26 11.47 -12.00 18.88
CA PRO A 26 10.76 -10.75 18.61
C PRO A 26 9.34 -10.76 19.16
N ASP A 27 8.84 -9.58 19.55
CA ASP A 27 7.50 -9.42 20.10
C ASP A 27 6.53 -8.96 19.01
N TYR A 28 5.74 -9.89 18.47
CA TYR A 28 4.78 -9.59 17.41
C TYR A 28 4.06 -8.25 17.62
N ALA A 29 3.54 -8.07 18.82
CA ALA A 29 2.82 -6.84 19.15
C ALA A 29 3.69 -5.62 18.92
N LYS A 30 4.97 -5.70 19.31
CA LYS A 30 5.89 -4.58 19.12
C LYS A 30 6.35 -4.48 17.67
N ALA A 31 6.65 -5.63 17.07
CA ALA A 31 7.10 -5.68 15.68
C ALA A 31 6.06 -5.10 14.73
N LEU A 32 4.81 -5.46 14.97
CA LEU A 32 3.71 -5.00 14.13
C LEU A 32 3.59 -3.48 14.16
N GLU A 33 4.03 -2.90 15.27
CA GLU A 33 3.99 -1.45 15.46
C GLU A 33 5.15 -0.79 14.76
N GLN A 34 6.32 -1.43 14.82
CA GLN A 34 7.48 -0.86 14.16
C GLN A 34 7.23 -0.88 12.66
N HIS A 35 6.67 -1.97 12.15
CA HIS A 35 6.38 -2.07 10.72
C HIS A 35 5.47 -0.90 10.32
N ASN A 36 4.43 -0.65 11.10
CA ASN A 36 3.52 0.44 10.76
C ASN A 36 4.26 1.74 10.68
N ALA A 37 5.06 2.02 11.71
CA ALA A 37 5.83 3.24 11.75
C ALA A 37 6.72 3.30 10.52
N TYR A 38 7.17 2.12 10.09
CA TYR A 38 8.04 1.99 8.92
C TYR A 38 7.30 2.46 7.70
N ILE A 39 6.10 1.92 7.51
CA ILE A 39 5.27 2.28 6.37
C ILE A 39 4.91 3.77 6.36
N ARG A 40 4.55 4.31 7.51
CA ARG A 40 4.21 5.71 7.56
C ARG A 40 5.40 6.55 7.16
N ALA A 41 6.59 6.03 7.42
CA ALA A 41 7.80 6.74 7.08
C ALA A 41 7.88 6.84 5.57
N LEU A 42 7.62 5.72 4.90
CA LEU A 42 7.67 5.66 3.45
C LEU A 42 6.55 6.45 2.81
N GLN A 43 5.46 6.63 3.53
CA GLN A 43 4.34 7.38 2.96
C GLN A 43 4.76 8.80 2.65
N THR A 44 5.89 9.21 3.21
CA THR A 44 6.39 10.56 2.99
C THR A 44 7.61 10.61 2.06
N CYS A 45 7.83 9.54 1.29
CA CYS A 45 8.95 9.51 0.37
C CYS A 45 8.55 9.62 -1.10
N ASP A 46 7.36 10.13 -1.37
CA ASP A 46 6.88 10.31 -2.74
C ASP A 46 6.86 9.01 -3.55
N VAL A 47 6.43 7.93 -2.91
CA VAL A 47 6.34 6.66 -3.59
C VAL A 47 4.96 6.14 -3.27
N ASP A 48 4.50 5.16 -4.04
CA ASP A 48 3.22 4.59 -3.68
C ASP A 48 3.56 3.22 -3.14
N ILE A 49 2.84 2.83 -2.11
CA ILE A 49 3.11 1.57 -1.44
C ILE A 49 2.14 0.47 -1.76
N THR A 50 2.70 -0.71 -2.04
CA THR A 50 1.89 -1.90 -2.30
C THR A 50 2.21 -2.77 -1.09
N LEU A 51 1.34 -2.69 -0.10
CA LEU A 51 1.48 -3.43 1.14
C LEU A 51 0.76 -4.77 1.07
N LEU A 52 1.55 -5.84 1.07
CA LEU A 52 1.02 -7.19 0.99
C LEU A 52 0.60 -7.73 2.37
N PRO A 53 -0.41 -8.59 2.40
CA PRO A 53 -0.99 -9.24 3.59
C PRO A 53 -0.03 -10.24 4.21
N PRO A 54 -0.21 -10.51 5.50
CA PRO A 54 0.65 -11.45 6.22
C PRO A 54 0.28 -12.87 5.92
N ASP A 55 1.30 -13.69 5.72
CA ASP A 55 1.14 -15.12 5.44
C ASP A 55 1.84 -15.83 6.59
N GLU A 56 1.06 -16.50 7.42
CA GLU A 56 1.59 -17.20 8.59
C GLU A 56 2.54 -18.34 8.26
N ARG A 57 2.44 -18.88 7.05
CA ARG A 57 3.30 -19.98 6.65
C ARG A 57 4.77 -19.61 6.50
N PHE A 58 5.06 -18.31 6.45
CA PHE A 58 6.43 -17.83 6.32
C PHE A 58 6.77 -16.74 7.33
N PRO A 59 7.38 -17.10 8.45
CA PRO A 59 7.75 -16.12 9.46
C PRO A 59 8.51 -14.92 8.90
N ASP A 60 9.53 -15.19 8.10
CA ASP A 60 10.36 -14.13 7.53
C ASP A 60 9.86 -13.49 6.23
N SER A 61 8.61 -13.76 5.85
CA SER A 61 8.05 -13.20 4.63
C SER A 61 8.03 -11.67 4.70
N VAL A 62 7.98 -11.11 5.91
CA VAL A 62 7.98 -9.66 6.06
C VAL A 62 9.21 -9.07 5.37
N PHE A 63 10.24 -9.89 5.21
CA PHE A 63 11.48 -9.46 4.55
C PHE A 63 11.41 -9.63 3.02
N VAL A 64 10.44 -9.00 2.39
CA VAL A 64 10.29 -9.08 0.94
C VAL A 64 11.56 -8.72 0.16
N GLU A 65 12.52 -8.05 0.79
CA GLU A 65 13.73 -7.69 0.06
C GLU A 65 14.41 -8.87 -0.61
N ASP A 66 14.50 -9.97 0.13
CA ASP A 66 15.18 -11.17 -0.34
C ASP A 66 14.56 -11.95 -1.51
N PRO A 67 13.26 -12.27 -1.43
CA PRO A 67 12.55 -13.01 -2.48
C PRO A 67 12.76 -12.54 -3.92
N VAL A 68 12.88 -11.23 -4.12
CA VAL A 68 13.02 -10.68 -5.49
C VAL A 68 13.94 -9.48 -5.68
N LEU A 69 14.53 -9.38 -6.87
CA LEU A 69 15.39 -8.24 -7.22
C LEU A 69 14.61 -7.43 -8.26
N CYS A 70 14.42 -6.14 -7.98
CA CYS A 70 13.70 -5.29 -8.91
C CYS A 70 14.60 -4.28 -9.54
N THR A 71 14.80 -4.41 -10.85
CA THR A 71 15.67 -3.51 -11.55
C THR A 71 14.85 -2.60 -12.44
N SER A 72 15.53 -1.67 -13.11
CA SER A 72 14.86 -0.73 -13.99
C SER A 72 14.44 -1.36 -15.30
N ARG A 73 14.95 -2.55 -15.60
CA ARG A 73 14.60 -3.23 -16.85
C ARG A 73 13.79 -4.49 -16.63
N CYS A 74 13.89 -5.09 -15.44
CA CYS A 74 13.16 -6.33 -15.16
C CYS A 74 13.10 -6.62 -13.68
N ALA A 75 12.66 -7.83 -13.36
CA ALA A 75 12.59 -8.27 -11.98
C ALA A 75 13.01 -9.71 -11.99
N ILE A 76 13.81 -10.12 -11.02
CA ILE A 76 14.23 -11.52 -11.00
C ILE A 76 13.73 -12.17 -9.75
N ILE A 77 12.84 -13.15 -9.90
CA ILE A 77 12.34 -13.88 -8.74
C ILE A 77 13.53 -14.73 -8.31
N THR A 78 14.02 -14.52 -7.10
CA THR A 78 15.17 -15.26 -6.64
C THR A 78 14.83 -16.67 -6.19
N ARG A 79 15.75 -17.28 -5.46
CA ARG A 79 15.55 -18.63 -4.97
C ARG A 79 16.28 -18.74 -3.65
N PRO A 80 15.56 -18.45 -2.55
CA PRO A 80 16.04 -18.47 -1.18
C PRO A 80 16.86 -19.69 -0.79
N GLY A 81 18.08 -19.45 -0.31
CA GLY A 81 18.93 -20.55 0.10
C GLY A 81 18.19 -21.29 1.20
N ALA A 82 17.70 -20.55 2.19
CA ALA A 82 16.95 -21.14 3.30
C ALA A 82 15.64 -21.66 2.72
N GLU A 83 15.37 -22.95 2.89
CA GLU A 83 14.17 -23.57 2.34
C GLU A 83 12.86 -23.14 3.00
N SER A 84 12.91 -22.82 4.28
CA SER A 84 11.70 -22.38 4.97
C SER A 84 11.22 -21.06 4.34
N ARG A 85 12.03 -20.47 3.47
CA ARG A 85 11.69 -19.21 2.84
C ARG A 85 11.47 -19.31 1.32
N ARG A 86 11.96 -20.40 0.73
CA ARG A 86 11.86 -20.59 -0.73
C ARG A 86 10.46 -20.40 -1.33
N GLY A 87 9.43 -20.69 -0.55
CA GLY A 87 8.06 -20.54 -1.03
C GLY A 87 7.64 -19.09 -1.21
N GLU A 88 8.24 -18.20 -0.43
CA GLU A 88 7.94 -16.78 -0.49
C GLU A 88 7.93 -16.21 -1.91
N THR A 89 8.74 -16.79 -2.79
CA THR A 89 8.77 -16.27 -4.15
C THR A 89 7.41 -16.40 -4.82
N GLU A 90 6.72 -17.51 -4.55
CA GLU A 90 5.44 -17.78 -5.19
C GLU A 90 4.27 -16.91 -4.76
N ILE A 91 4.29 -16.46 -3.50
CA ILE A 91 3.21 -15.61 -3.03
C ILE A 91 3.41 -14.14 -3.39
N ILE A 92 4.52 -13.81 -4.05
CA ILE A 92 4.75 -12.43 -4.41
C ILE A 92 4.81 -12.24 -5.93
N GLU A 93 5.05 -13.33 -6.66
CA GLU A 93 5.14 -13.22 -8.11
C GLU A 93 3.95 -12.53 -8.79
N GLU A 94 2.78 -12.62 -8.19
CA GLU A 94 1.63 -11.96 -8.79
C GLU A 94 1.83 -10.46 -8.79
N THR A 95 2.30 -9.93 -7.67
CA THR A 95 2.55 -8.49 -7.54
C THR A 95 3.62 -8.11 -8.54
N VAL A 96 4.65 -8.95 -8.63
CA VAL A 96 5.76 -8.69 -9.53
C VAL A 96 5.26 -8.66 -10.96
N GLN A 97 4.36 -9.57 -11.31
CA GLN A 97 3.84 -9.58 -12.66
C GLN A 97 3.20 -8.24 -12.96
N ARG A 98 2.28 -7.81 -12.10
CA ARG A 98 1.59 -6.54 -12.28
C ARG A 98 2.52 -5.36 -12.58
N PHE A 99 3.73 -5.38 -12.03
CA PHE A 99 4.68 -4.29 -12.25
C PHE A 99 5.63 -4.52 -13.41
N TYR A 100 6.02 -5.78 -13.60
CA TYR A 100 6.93 -6.12 -14.69
C TYR A 100 6.26 -7.09 -15.67
N PRO A 101 5.16 -6.66 -16.32
CA PRO A 101 4.48 -7.52 -17.26
C PRO A 101 5.38 -8.01 -18.40
N GLY A 102 5.51 -9.33 -18.52
CA GLY A 102 6.32 -9.91 -19.57
C GLY A 102 7.81 -9.78 -19.36
N LYS A 103 8.20 -9.08 -18.30
CA LYS A 103 9.63 -8.90 -18.01
C LYS A 103 10.03 -9.45 -16.65
N VAL A 104 9.63 -10.69 -16.39
CA VAL A 104 9.94 -11.37 -15.13
C VAL A 104 10.88 -12.56 -15.38
N GLU A 105 11.95 -12.63 -14.59
CA GLU A 105 12.95 -13.70 -14.66
C GLU A 105 12.93 -14.50 -13.35
N ARG A 106 13.66 -15.61 -13.30
CA ARG A 106 13.68 -16.41 -12.09
C ARG A 106 14.86 -17.36 -12.01
N ILE A 107 15.38 -17.54 -10.80
CA ILE A 107 16.51 -18.42 -10.57
C ILE A 107 16.03 -19.86 -10.49
N GLU A 108 16.75 -20.77 -11.17
CA GLU A 108 16.42 -22.19 -11.18
C GLU A 108 17.47 -22.98 -10.41
N ALA A 109 17.03 -24.06 -9.78
CA ALA A 109 17.92 -24.92 -9.02
C ALA A 109 19.11 -25.34 -9.89
N PRO A 110 20.24 -25.72 -9.27
CA PRO A 110 20.46 -25.79 -7.82
C PRO A 110 20.92 -24.46 -7.24
N GLY A 111 21.22 -23.49 -8.10
CA GLY A 111 21.67 -22.18 -7.63
C GLY A 111 20.65 -21.48 -6.75
N THR A 112 21.13 -20.66 -5.82
CA THR A 112 20.22 -19.93 -4.93
C THR A 112 20.66 -18.49 -4.78
N VAL A 113 19.69 -17.61 -4.55
CA VAL A 113 19.96 -16.18 -4.38
C VAL A 113 18.94 -15.49 -3.49
N GLU A 114 19.42 -14.50 -2.73
CA GLU A 114 18.57 -13.73 -1.85
C GLU A 114 18.99 -12.29 -2.10
N ALA A 115 18.08 -11.50 -2.69
CA ALA A 115 18.36 -10.10 -3.02
C ALA A 115 19.00 -9.29 -1.91
N GLY A 116 19.01 -9.85 -0.70
CA GLY A 116 19.61 -9.13 0.41
C GLY A 116 21.11 -9.07 0.24
N ASP A 117 21.65 -9.98 -0.57
CA ASP A 117 23.08 -10.03 -0.84
C ASP A 117 23.46 -9.17 -2.05
N ILE A 118 22.50 -8.40 -2.54
CA ILE A 118 22.76 -7.55 -3.70
C ILE A 118 22.57 -6.07 -3.40
N MET A 119 23.53 -5.26 -3.85
CA MET A 119 23.52 -3.81 -3.66
C MET A 119 23.40 -3.21 -5.05
N MET A 120 22.48 -2.29 -5.22
CA MET A 120 22.30 -1.70 -6.54
C MET A 120 22.95 -0.34 -6.70
N VAL A 121 23.99 -0.30 -7.50
CA VAL A 121 24.71 0.96 -7.75
C VAL A 121 24.55 1.27 -9.23
N GLY A 122 23.70 2.26 -9.52
CA GLY A 122 23.47 2.61 -10.90
C GLY A 122 22.82 1.43 -11.55
N ASP A 123 23.47 0.90 -12.59
CA ASP A 123 22.97 -0.25 -13.33
C ASP A 123 23.83 -1.46 -12.99
N HIS A 124 24.66 -1.32 -11.97
CA HIS A 124 25.50 -2.42 -11.56
C HIS A 124 25.02 -2.96 -10.22
N PHE A 125 25.10 -4.27 -10.06
CA PHE A 125 24.68 -4.92 -8.83
C PHE A 125 25.80 -5.78 -8.30
N TYR A 126 26.20 -5.53 -7.06
CA TYR A 126 27.24 -6.31 -6.44
C TYR A 126 26.58 -7.46 -5.73
N ILE A 127 26.98 -8.67 -6.05
CA ILE A 127 26.38 -9.85 -5.45
C ILE A 127 27.35 -10.55 -4.51
N GLY A 128 27.21 -10.33 -3.21
CA GLY A 128 28.09 -10.97 -2.26
C GLY A 128 27.67 -12.42 -2.08
N GLU A 129 28.63 -13.34 -2.04
CA GLU A 129 28.33 -14.74 -1.84
C GLU A 129 28.16 -15.05 -0.36
N SER A 130 27.14 -15.85 -0.06
CA SER A 130 26.86 -16.19 1.32
C SER A 130 26.31 -17.61 1.36
N ALA A 131 25.79 -18.00 2.51
CA ALA A 131 25.21 -19.32 2.69
C ALA A 131 23.89 -19.35 1.93
N ARG A 132 23.29 -18.17 1.79
CA ARG A 132 22.00 -18.02 1.12
C ARG A 132 22.12 -17.80 -0.39
N THR A 133 23.26 -17.27 -0.82
CA THR A 133 23.50 -17.01 -2.24
C THR A 133 24.73 -17.78 -2.70
N ASN A 134 24.54 -18.94 -3.30
CA ASN A 134 25.68 -19.73 -3.77
C ASN A 134 26.17 -19.29 -5.15
N ALA A 135 27.35 -19.80 -5.51
CA ALA A 135 28.02 -19.52 -6.78
C ALA A 135 27.13 -19.65 -8.02
N GLU A 136 26.45 -20.79 -8.15
CA GLU A 136 25.56 -21.01 -9.28
C GLU A 136 24.50 -19.90 -9.32
N GLY A 137 23.81 -19.70 -8.21
CA GLY A 137 22.79 -18.67 -8.13
C GLY A 137 23.28 -17.34 -8.70
N ALA A 138 24.29 -16.80 -8.04
CA ALA A 138 24.89 -15.53 -8.47
C ALA A 138 25.24 -15.52 -9.96
N ARG A 139 25.71 -16.65 -10.46
CA ARG A 139 26.09 -16.76 -11.86
C ARG A 139 24.84 -16.49 -12.73
N GLN A 140 23.77 -17.24 -12.49
CA GLN A 140 22.55 -17.07 -13.28
C GLN A 140 22.11 -15.61 -13.20
N MET A 141 22.24 -15.03 -12.01
CA MET A 141 21.83 -13.65 -11.80
C MET A 141 22.55 -12.71 -12.73
N ILE A 142 23.88 -12.74 -12.71
CA ILE A 142 24.66 -11.87 -13.57
C ILE A 142 24.29 -12.18 -15.01
N ALA A 143 23.97 -13.45 -15.26
CA ALA A 143 23.57 -13.90 -16.59
C ALA A 143 22.35 -13.11 -17.02
N ILE A 144 21.35 -13.08 -16.15
CA ILE A 144 20.10 -12.36 -16.40
C ILE A 144 20.31 -10.86 -16.50
N LEU A 145 21.04 -10.30 -15.55
CA LEU A 145 21.31 -8.86 -15.55
C LEU A 145 21.92 -8.50 -16.88
N GLU A 146 22.88 -9.30 -17.32
CA GLU A 146 23.54 -9.05 -18.60
C GLU A 146 22.57 -9.11 -19.76
N LYS A 147 21.70 -10.11 -19.73
CA LYS A 147 20.69 -10.28 -20.78
C LYS A 147 19.92 -9.01 -21.05
N HIS A 148 19.51 -8.33 -19.98
CA HIS A 148 18.73 -7.09 -20.09
C HIS A 148 19.58 -5.83 -20.10
N GLY A 149 20.79 -5.93 -20.65
CA GLY A 149 21.67 -4.78 -20.72
C GLY A 149 22.19 -4.24 -19.39
N LEU A 150 22.31 -5.10 -18.39
CA LEU A 150 22.78 -4.71 -17.06
C LEU A 150 23.99 -5.52 -16.62
N SER A 151 24.71 -5.00 -15.62
CA SER A 151 25.92 -5.63 -15.10
C SER A 151 25.82 -6.07 -13.64
N GLY A 152 26.82 -6.81 -13.16
CA GLY A 152 26.81 -7.27 -11.79
C GLY A 152 28.03 -8.08 -11.39
N SER A 153 28.92 -7.49 -10.59
CA SER A 153 30.11 -8.20 -10.15
C SER A 153 29.78 -9.04 -8.93
N VAL A 154 30.78 -9.72 -8.39
CA VAL A 154 30.62 -10.56 -7.19
C VAL A 154 31.55 -10.06 -6.10
N VAL A 155 31.13 -10.21 -4.85
CA VAL A 155 31.96 -9.75 -3.73
C VAL A 155 32.14 -10.90 -2.76
N ARG A 156 33.33 -11.05 -2.19
CA ARG A 156 33.59 -12.12 -1.25
C ARG A 156 33.40 -11.73 0.22
N LEU A 157 32.60 -12.55 0.90
CA LEU A 157 32.25 -12.34 2.30
C LEU A 157 33.11 -13.10 3.32
N GLU A 158 33.72 -12.34 4.22
CA GLU A 158 34.57 -12.87 5.29
C GLU A 158 33.73 -13.10 6.54
N LYS A 159 33.36 -11.99 7.18
CA LYS A 159 32.57 -11.98 8.41
C LYS A 159 31.06 -11.96 8.19
N VAL A 160 30.54 -10.80 7.78
CA VAL A 160 29.11 -10.61 7.55
C VAL A 160 28.39 -11.75 6.82
N LEU A 161 27.17 -12.00 7.31
CA LEU A 161 26.25 -13.02 6.85
C LEU A 161 25.56 -12.72 5.51
N GLY A 162 25.47 -11.43 5.20
CA GLY A 162 24.83 -10.97 3.97
C GLY A 162 25.54 -9.72 3.48
N LEU A 163 25.42 -9.46 2.18
CA LEU A 163 26.07 -8.29 1.60
C LEU A 163 25.66 -6.96 2.22
N LYS A 164 24.39 -6.57 2.07
CA LYS A 164 23.94 -5.26 2.61
C LYS A 164 23.76 -5.20 4.14
N THR A 165 24.55 -5.99 4.83
CA THR A 165 24.53 -6.04 6.29
C THR A 165 25.56 -5.05 6.85
N GLY A 166 26.55 -4.73 6.04
CA GLY A 166 27.57 -3.80 6.46
C GLY A 166 27.74 -2.73 5.41
N LEU A 167 26.86 -2.73 4.42
CA LEU A 167 26.91 -1.76 3.34
C LEU A 167 25.58 -1.16 2.99
N ALA A 168 25.63 0.04 2.43
CA ALA A 168 24.42 0.72 2.02
C ALA A 168 24.78 1.81 1.02
N TYR A 169 24.26 1.70 -0.20
CA TYR A 169 24.56 2.72 -1.19
C TYR A 169 23.50 3.81 -1.15
N LEU A 170 23.86 4.97 -0.61
CA LEU A 170 22.92 6.08 -0.50
C LEU A 170 22.93 7.03 -1.69
N GLU A 171 23.32 6.51 -2.86
CA GLU A 171 23.39 7.33 -4.06
C GLU A 171 24.50 8.36 -3.94
N HIS A 172 24.66 9.15 -5.00
CA HIS A 172 25.67 10.18 -5.05
C HIS A 172 27.05 9.67 -4.63
N ASN A 173 27.38 8.46 -5.05
CA ASN A 173 28.66 7.84 -4.73
C ASN A 173 28.92 7.89 -3.23
N ASN A 174 27.90 7.59 -2.45
CA ASN A 174 28.02 7.56 -1.01
C ASN A 174 27.76 6.15 -0.52
N LEU A 175 28.73 5.58 0.16
CA LEU A 175 28.56 4.23 0.65
C LEU A 175 28.70 4.17 2.16
N LEU A 176 27.92 3.31 2.78
CA LEU A 176 28.00 3.12 4.21
C LEU A 176 28.73 1.82 4.34
N ALA A 177 29.84 1.82 5.07
CA ALA A 177 30.59 0.59 5.24
C ALA A 177 30.88 0.33 6.71
N ALA A 178 30.81 -0.93 7.09
CA ALA A 178 31.07 -1.35 8.46
C ALA A 178 31.82 -2.69 8.45
N GLY A 179 32.66 -2.89 9.47
CA GLY A 179 33.43 -4.12 9.57
C GLY A 179 34.51 -4.17 8.51
N GLU A 180 34.62 -5.33 7.86
CA GLU A 180 35.60 -5.52 6.79
C GLU A 180 35.42 -4.47 5.70
N PHE A 181 34.31 -4.58 4.96
CA PHE A 181 33.94 -3.68 3.88
C PHE A 181 34.61 -2.31 3.77
N VAL A 182 34.90 -1.68 4.90
CA VAL A 182 35.52 -0.36 4.90
C VAL A 182 36.75 -0.18 3.99
N SER A 183 37.52 -1.25 3.79
CA SER A 183 38.71 -1.18 2.96
C SER A 183 38.69 -2.15 1.81
N LYS A 184 37.52 -2.76 1.56
CA LYS A 184 37.40 -3.71 0.46
C LYS A 184 37.65 -3.01 -0.87
N PRO A 185 38.70 -3.43 -1.58
CA PRO A 185 39.11 -2.88 -2.88
C PRO A 185 37.95 -2.36 -3.73
N GLU A 186 37.06 -3.25 -4.14
CA GLU A 186 35.92 -2.90 -4.97
C GLU A 186 35.34 -1.49 -4.79
N PHE A 187 35.17 -1.08 -3.54
CA PHE A 187 34.57 0.22 -3.26
C PHE A 187 35.50 1.33 -2.82
N GLN A 188 36.57 1.57 -3.55
CA GLN A 188 37.48 2.63 -3.14
C GLN A 188 37.19 3.93 -3.86
N ASP A 189 36.39 3.84 -4.92
CA ASP A 189 36.01 5.02 -5.70
C ASP A 189 34.71 5.60 -5.15
N PHE A 190 34.31 5.12 -3.98
CA PHE A 190 33.08 5.59 -3.36
C PHE A 190 33.45 6.44 -2.16
N ASN A 191 32.55 7.32 -1.76
CA ASN A 191 32.80 8.15 -0.60
C ASN A 191 32.43 7.31 0.62
N ILE A 192 33.27 6.31 0.89
CA ILE A 192 33.03 5.42 2.02
C ILE A 192 32.82 6.13 3.34
N ILE A 193 31.69 5.84 3.98
CA ILE A 193 31.35 6.44 5.24
C ILE A 193 31.44 5.34 6.29
N GLU A 194 32.46 5.43 7.14
CA GLU A 194 32.64 4.40 8.16
C GLU A 194 31.60 4.40 9.28
N ILE A 195 31.18 3.19 9.63
CA ILE A 195 30.22 2.98 10.69
C ILE A 195 30.97 2.32 11.85
N PRO A 196 31.01 3.00 13.01
CA PRO A 196 31.69 2.45 14.19
C PRO A 196 31.09 1.13 14.67
N GLU A 197 31.93 0.27 15.24
CA GLU A 197 31.53 -1.05 15.73
C GLU A 197 30.17 -1.15 16.46
N GLU A 198 30.03 -0.45 17.59
CA GLU A 198 28.78 -0.50 18.34
C GLU A 198 27.56 -0.14 17.50
N GLU A 199 27.77 0.60 16.40
CA GLU A 199 26.68 1.01 15.52
C GLU A 199 26.65 0.31 14.16
N SER A 200 27.31 -0.83 14.02
CA SER A 200 27.37 -1.54 12.74
C SER A 200 26.02 -1.95 12.13
N TYR A 201 24.98 -2.00 12.98
CA TYR A 201 23.63 -2.36 12.52
C TYR A 201 23.08 -1.24 11.64
N ALA A 202 23.45 0.00 11.94
CA ALA A 202 22.97 1.13 11.16
C ALA A 202 23.62 1.15 9.79
N ALA A 203 24.42 0.14 9.48
CA ALA A 203 25.08 0.07 8.18
C ALA A 203 24.02 -0.29 7.15
N ASN A 204 22.88 -0.78 7.64
CA ASN A 204 21.76 -1.15 6.80
C ASN A 204 20.70 -0.06 6.86
N CYS A 205 20.76 0.85 5.89
CA CYS A 205 19.82 1.95 5.76
C CYS A 205 19.35 1.88 4.34
N ILE A 206 18.35 2.69 4.01
CA ILE A 206 17.87 2.71 2.65
C ILE A 206 17.71 4.13 2.18
N TRP A 207 18.06 4.35 0.92
CA TRP A 207 17.94 5.66 0.29
C TRP A 207 16.64 5.60 -0.48
N VAL A 208 15.74 6.53 -0.19
CA VAL A 208 14.50 6.59 -0.91
C VAL A 208 14.30 8.04 -1.35
N ASN A 209 14.29 8.25 -2.66
CA ASN A 209 14.08 9.57 -3.21
C ASN A 209 14.60 10.68 -2.32
N GLU A 210 15.91 10.67 -2.11
CA GLU A 210 16.64 11.66 -1.30
C GLU A 210 16.37 11.67 0.18
N ARG A 211 15.48 10.80 0.65
CA ARG A 211 15.23 10.70 2.09
C ARG A 211 16.07 9.49 2.42
N VAL A 212 16.44 9.31 3.67
CA VAL A 212 17.21 8.12 4.04
C VAL A 212 16.63 7.57 5.32
N ILE A 213 16.12 6.35 5.25
CA ILE A 213 15.53 5.72 6.41
C ILE A 213 16.54 4.84 7.10
N MET A 214 16.64 4.99 8.41
CA MET A 214 17.58 4.21 9.22
C MET A 214 16.98 3.77 10.55
N PRO A 215 17.60 2.77 11.20
CA PRO A 215 17.10 2.31 12.49
C PRO A 215 17.27 3.39 13.54
N ALA A 216 16.41 3.40 14.54
CA ALA A 216 16.50 4.41 15.58
C ALA A 216 17.57 3.97 16.57
N GLY A 217 18.24 4.94 17.18
CA GLY A 217 19.26 4.63 18.18
C GLY A 217 20.72 4.54 17.73
N TYR A 218 21.02 5.06 16.55
CA TYR A 218 22.39 5.05 16.05
C TYR A 218 22.79 6.46 15.61
N PRO A 219 22.94 7.35 16.60
CA PRO A 219 23.30 8.77 16.49
C PRO A 219 24.51 9.10 15.66
N ARG A 220 25.65 8.56 16.06
CA ARG A 220 26.90 8.81 15.33
C ARG A 220 26.66 8.64 13.83
N THR A 221 26.26 7.43 13.45
CA THR A 221 25.97 7.07 12.06
C THR A 221 24.90 8.02 11.54
N ARG A 222 23.86 8.21 12.35
CA ARG A 222 22.78 9.10 11.97
C ARG A 222 23.36 10.45 11.60
N GLU A 223 24.19 10.99 12.47
CA GLU A 223 24.80 12.29 12.23
C GLU A 223 25.43 12.42 10.85
N LYS A 224 26.39 11.54 10.58
CA LYS A 224 27.09 11.53 9.31
C LYS A 224 26.11 11.61 8.13
N ILE A 225 24.99 10.90 8.23
CA ILE A 225 24.01 10.92 7.15
C ILE A 225 23.38 12.30 6.98
N ALA A 226 22.86 12.87 8.07
CA ALA A 226 22.26 14.19 8.01
C ALA A 226 23.34 15.07 7.43
N ARG A 227 24.56 14.81 7.86
CA ARG A 227 25.73 15.54 7.40
C ARG A 227 25.59 15.80 5.90
N LEU A 228 25.60 14.71 5.13
CA LEU A 228 25.48 14.76 3.68
C LEU A 228 24.24 15.49 3.15
N GLY A 229 23.38 15.93 4.08
CA GLY A 229 22.18 16.67 3.67
C GLY A 229 20.95 15.85 3.29
N TYR A 230 20.92 14.61 3.73
CA TYR A 230 19.77 13.76 3.43
C TYR A 230 18.74 14.00 4.52
N ARG A 231 17.48 14.05 4.12
CA ARG A 231 16.40 14.24 5.08
C ARG A 231 16.32 12.90 5.82
N VAL A 232 17.15 12.71 6.85
CA VAL A 232 17.14 11.45 7.59
C VAL A 232 15.83 11.16 8.31
N ILE A 233 15.46 9.88 8.38
CA ILE A 233 14.25 9.46 9.07
C ILE A 233 14.55 8.22 9.89
N GLU A 234 14.41 8.34 11.21
CA GLU A 234 14.69 7.21 12.09
C GLU A 234 13.47 6.38 12.41
N VAL A 235 13.62 5.06 12.33
CA VAL A 235 12.54 4.11 12.64
C VAL A 235 13.14 3.01 13.49
N ASP A 236 12.51 2.73 14.63
CA ASP A 236 13.02 1.68 15.50
C ASP A 236 12.60 0.32 14.96
N THR A 237 13.60 -0.51 14.65
CA THR A 237 13.34 -1.84 14.10
C THR A 237 13.87 -2.95 15.02
N SER A 238 14.33 -2.56 16.21
CA SER A 238 14.89 -3.50 17.19
C SER A 238 14.36 -4.93 17.05
N GLU A 239 13.04 -5.08 17.00
CA GLU A 239 12.44 -6.40 16.88
C GLU A 239 12.82 -7.16 15.62
N TYR A 240 13.28 -6.48 14.58
CA TYR A 240 13.66 -7.19 13.37
C TYR A 240 15.13 -7.51 13.50
N ARG A 241 15.82 -6.67 14.25
CA ARG A 241 17.23 -6.87 14.51
C ARG A 241 17.41 -8.22 15.17
N LYS A 242 16.40 -8.65 15.94
CA LYS A 242 16.45 -9.93 16.63
C LYS A 242 16.57 -11.08 15.65
N ILE A 243 16.16 -10.86 14.41
CA ILE A 243 16.30 -11.91 13.43
C ILE A 243 17.05 -11.45 12.19
N ASP A 244 18.08 -10.63 12.43
CA ASP A 244 18.96 -10.12 11.37
C ASP A 244 18.19 -9.37 10.28
N GLY A 245 17.19 -8.60 10.69
CA GLY A 245 16.41 -7.85 9.73
C GLY A 245 16.47 -6.37 9.98
N GLY A 246 16.40 -5.61 8.89
CA GLY A 246 16.45 -4.16 8.98
C GLY A 246 15.62 -3.50 7.90
N VAL A 247 15.76 -2.16 7.82
CA VAL A 247 15.04 -1.34 6.87
C VAL A 247 15.16 -1.80 5.42
N SER A 248 16.34 -2.19 4.99
CA SER A 248 16.46 -2.59 3.60
C SER A 248 15.71 -3.88 3.34
N CYS A 249 15.81 -4.80 4.27
CA CYS A 249 15.16 -6.11 4.17
C CYS A 249 13.64 -6.03 4.02
N MET A 250 13.02 -5.09 4.73
CA MET A 250 11.57 -4.96 4.74
C MET A 250 10.87 -4.31 3.55
N SER A 251 11.53 -4.23 2.41
CA SER A 251 10.87 -3.60 1.25
C SER A 251 11.64 -3.73 -0.05
N LEU A 252 10.89 -3.59 -1.13
CA LEU A 252 11.41 -3.65 -2.49
C LEU A 252 11.22 -2.24 -3.00
N ARG A 253 12.27 -1.67 -3.57
CA ARG A 253 12.19 -0.30 -4.08
C ARG A 253 12.57 -0.24 -5.54
N PHE A 254 11.71 0.37 -6.35
CA PHE A 254 11.98 0.50 -7.79
C PHE A 254 11.21 1.64 -8.47
N MET B 1 -16.10 -11.17 -3.07
CA MET B 1 -14.79 -11.19 -2.35
C MET B 1 -13.77 -10.27 -3.00
N PHE B 2 -13.16 -9.43 -2.17
CA PHE B 2 -12.18 -8.44 -2.59
C PHE B 2 -10.75 -8.89 -2.41
N LYS B 3 -9.92 -8.57 -3.40
CA LYS B 3 -8.51 -8.92 -3.34
C LYS B 3 -7.64 -7.68 -3.27
N HIS B 4 -8.22 -6.52 -3.53
CA HIS B 4 -7.45 -5.28 -3.50
C HIS B 4 -8.16 -4.04 -2.94
N ILE B 5 -7.36 -3.17 -2.35
CA ILE B 5 -7.83 -1.90 -1.82
C ILE B 5 -6.91 -0.82 -2.36
N ILE B 6 -7.45 0.37 -2.58
CA ILE B 6 -6.63 1.48 -3.04
C ILE B 6 -7.00 2.65 -2.15
N ALA B 7 -6.00 3.34 -1.62
CA ALA B 7 -6.21 4.50 -0.77
C ALA B 7 -5.10 5.49 -1.05
N ARG B 8 -5.35 6.75 -0.73
CA ARG B 8 -4.36 7.79 -0.97
C ARG B 8 -4.18 8.57 0.31
N THR B 9 -2.94 8.84 0.66
CA THR B 9 -2.65 9.58 1.88
C THR B 9 -3.21 10.98 1.81
N PRO B 10 -3.80 11.47 2.91
CA PRO B 10 -4.39 12.82 2.96
C PRO B 10 -3.39 13.96 2.75
N ALA B 11 -3.72 14.87 1.85
CA ALA B 11 -2.86 16.02 1.58
C ALA B 11 -2.98 17.04 2.72
N ARG B 12 -1.97 17.89 2.89
CA ARG B 12 -2.04 18.90 3.93
C ARG B 12 -3.11 19.91 3.60
N SER B 13 -3.27 20.19 2.32
CA SER B 13 -4.27 21.14 1.88
C SER B 13 -5.66 20.60 2.14
N LEU B 14 -5.71 19.50 2.89
CA LEU B 14 -6.96 18.82 3.25
C LEU B 14 -7.88 19.75 4.03
N VAL B 15 -7.32 20.70 4.77
CA VAL B 15 -8.14 21.61 5.55
C VAL B 15 -9.05 22.43 4.64
N ASP B 16 -8.62 22.57 3.39
CA ASP B 16 -9.39 23.31 2.39
C ASP B 16 -10.17 22.34 1.46
N GLY B 17 -10.74 21.30 2.07
CA GLY B 17 -11.49 20.32 1.31
C GLY B 17 -12.85 20.90 0.99
N LEU B 18 -13.64 20.18 0.19
CA LEU B 18 -14.97 20.65 -0.18
C LEU B 18 -16.05 20.25 0.81
N THR B 19 -16.19 21.06 1.84
CA THR B 19 -17.20 20.81 2.85
C THR B 19 -18.46 21.52 2.42
N SER B 20 -19.54 21.29 3.16
CA SER B 20 -20.83 21.91 2.90
C SER B 20 -21.54 22.03 4.25
N SER B 21 -20.73 22.09 5.32
CA SER B 21 -21.23 22.17 6.68
C SER B 21 -20.37 22.98 7.69
N HIS B 22 -21.08 23.43 8.72
CA HIS B 22 -20.62 24.24 9.84
C HIS B 22 -19.62 23.52 10.74
N LEU B 23 -19.59 22.19 10.63
CA LEU B 23 -18.74 21.32 11.45
C LEU B 23 -17.34 21.78 11.83
N GLY B 24 -16.75 22.64 11.01
CA GLY B 24 -15.41 23.13 11.29
C GLY B 24 -14.42 22.60 10.28
N LYS B 25 -13.18 23.08 10.34
CA LYS B 25 -12.14 22.63 9.42
C LYS B 25 -11.40 21.44 10.04
N PRO B 26 -11.08 20.42 9.22
CA PRO B 26 -10.36 19.23 9.69
C PRO B 26 -8.95 19.52 10.16
N ASP B 27 -8.46 18.71 11.11
CA ASP B 27 -7.11 18.85 11.64
C ASP B 27 -6.16 17.83 10.97
N TYR B 28 -5.35 18.31 10.02
CA TYR B 28 -4.42 17.44 9.31
C TYR B 28 -3.75 16.41 10.20
N ALA B 29 -3.18 16.89 11.30
CA ALA B 29 -2.48 16.05 12.25
C ALA B 29 -3.39 14.91 12.73
N LYS B 30 -4.64 15.25 13.05
CA LYS B 30 -5.60 14.26 13.52
C LYS B 30 -6.07 13.37 12.37
N ALA B 31 -6.37 13.99 11.24
CA ALA B 31 -6.85 13.28 10.06
C ALA B 31 -5.83 12.26 9.57
N LEU B 32 -4.56 12.64 9.56
CA LEU B 32 -3.52 11.76 9.10
C LEU B 32 -3.43 10.51 9.97
N GLU B 33 -3.83 10.67 11.23
CA GLU B 33 -3.83 9.59 12.21
C GLU B 33 -5.01 8.68 11.96
N GLN B 34 -6.17 9.27 11.71
CA GLN B 34 -7.35 8.47 11.47
C GLN B 34 -7.13 7.63 10.22
N HIS B 35 -6.53 8.22 9.19
CA HIS B 35 -6.27 7.50 7.95
C HIS B 35 -5.40 6.28 8.23
N ASN B 36 -4.35 6.46 9.03
CA ASN B 36 -3.46 5.36 9.36
C ASN B 36 -4.22 4.24 10.05
N ALA B 37 -5.01 4.61 11.04
CA ALA B 37 -5.82 3.64 11.77
C ALA B 37 -6.75 2.94 10.77
N TYR B 38 -7.18 3.69 9.77
CA TYR B 38 -8.06 3.15 8.74
C TYR B 38 -7.33 2.09 7.95
N ILE B 39 -6.11 2.40 7.51
CA ILE B 39 -5.31 1.45 6.75
C ILE B 39 -5.00 0.19 7.54
N ARG B 40 -4.61 0.36 8.80
CA ARG B 40 -4.31 -0.79 9.66
C ARG B 40 -5.53 -1.69 9.79
N ALA B 41 -6.71 -1.09 9.78
CA ALA B 41 -7.93 -1.85 9.88
C ALA B 41 -8.01 -2.76 8.66
N LEU B 42 -7.77 -2.19 7.48
CA LEU B 42 -7.83 -2.94 6.23
C LEU B 42 -6.72 -3.97 6.09
N GLN B 43 -5.65 -3.78 6.85
CA GLN B 43 -4.54 -4.73 6.77
C GLN B 43 -5.00 -6.08 7.29
N THR B 44 -6.12 -6.08 8.01
CA THR B 44 -6.66 -7.31 8.58
C THR B 44 -7.88 -7.83 7.83
N CYS B 45 -8.09 -7.38 6.60
CA CYS B 45 -9.24 -7.84 5.83
C CYS B 45 -8.87 -8.73 4.65
N ASP B 46 -7.69 -9.35 4.73
CA ASP B 46 -7.23 -10.25 3.68
C ASP B 46 -7.18 -9.66 2.29
N VAL B 47 -6.76 -8.40 2.22
CA VAL B 47 -6.64 -7.73 0.96
C VAL B 47 -5.26 -7.15 0.92
N ASP B 48 -4.79 -6.80 -0.26
CA ASP B 48 -3.50 -6.16 -0.30
C ASP B 48 -3.82 -4.71 -0.60
N ILE B 49 -3.06 -3.82 0.01
CA ILE B 49 -3.28 -2.40 -0.13
C ILE B 49 -2.29 -1.69 -1.02
N THR B 50 -2.83 -0.83 -1.88
CA THR B 50 -2.02 -0.03 -2.79
C THR B 50 -2.28 1.37 -2.27
N LEU B 51 -1.40 1.84 -1.39
CA LEU B 51 -1.51 3.15 -0.78
C LEU B 51 -0.80 4.21 -1.61
N LEU B 52 -1.57 5.15 -2.15
CA LEU B 52 -1.00 6.20 -2.99
C LEU B 52 -0.55 7.39 -2.15
N PRO B 53 0.49 8.10 -2.62
CA PRO B 53 1.09 9.27 -1.99
C PRO B 53 0.17 10.46 -2.03
N PRO B 54 0.36 11.41 -1.10
CA PRO B 54 -0.46 12.62 -1.03
C PRO B 54 -0.06 13.64 -2.10
N ASP B 55 -1.07 14.23 -2.73
CA ASP B 55 -0.88 15.24 -3.76
C ASP B 55 -1.54 16.48 -3.22
N GLU B 56 -0.73 17.47 -2.86
CA GLU B 56 -1.23 18.71 -2.30
C GLU B 56 -2.16 19.50 -3.20
N ARG B 57 -2.08 19.25 -4.50
CA ARG B 57 -2.92 19.96 -5.45
C ARG B 57 -4.40 19.62 -5.35
N PHE B 58 -4.72 18.54 -4.64
CA PHE B 58 -6.10 18.12 -4.49
C PHE B 58 -6.45 17.77 -3.05
N PRO B 59 -7.03 18.73 -2.31
CA PRO B 59 -7.41 18.50 -0.92
C PRO B 59 -8.21 17.21 -0.70
N ASP B 60 -9.24 17.00 -1.53
CA ASP B 60 -10.09 15.82 -1.42
C ASP B 60 -9.61 14.55 -2.12
N SER B 61 -8.37 14.54 -2.60
CA SER B 61 -7.86 13.37 -3.28
C SER B 61 -7.86 12.14 -2.40
N VAL B 62 -7.83 12.36 -1.08
CA VAL B 62 -7.82 11.24 -0.16
C VAL B 62 -9.06 10.38 -0.41
N PHE B 63 -10.09 11.01 -0.97
CA PHE B 63 -11.35 10.32 -1.26
C PHE B 63 -11.33 9.61 -2.61
N VAL B 64 -10.37 8.69 -2.79
CA VAL B 64 -10.25 7.94 -4.04
C VAL B 64 -11.53 7.25 -4.48
N GLU B 65 -12.48 7.05 -3.58
CA GLU B 65 -13.70 6.38 -3.99
C GLU B 65 -14.35 7.01 -5.20
N ASP B 66 -14.42 8.34 -5.20
CA ASP B 66 -15.07 9.09 -6.27
C ASP B 66 -14.47 9.06 -7.67
N PRO B 67 -13.17 9.35 -7.80
CA PRO B 67 -12.48 9.36 -9.10
C PRO B 67 -12.73 8.17 -10.03
N VAL B 68 -12.90 6.97 -9.48
CA VAL B 68 -13.07 5.78 -10.31
C VAL B 68 -14.00 4.71 -9.77
N LEU B 69 -14.62 3.97 -10.70
CA LEU B 69 -15.50 2.86 -10.35
C LEU B 69 -14.74 1.59 -10.75
N CYS B 70 -14.61 0.65 -9.82
CA CYS B 70 -13.90 -0.59 -10.10
C CYS B 70 -14.83 -1.78 -10.06
N THR B 71 -15.06 -2.35 -11.23
CA THR B 71 -15.93 -3.49 -11.33
C THR B 71 -15.14 -4.77 -11.57
N SER B 72 -15.86 -5.88 -11.57
CA SER B 72 -15.23 -7.18 -11.77
C SER B 72 -14.82 -7.41 -13.22
N ARG B 73 -15.28 -6.57 -14.14
CA ARG B 73 -14.94 -6.74 -15.54
C ARG B 73 -14.08 -5.58 -16.06
N CYS B 74 -14.20 -4.40 -15.44
CA CYS B 74 -13.42 -3.24 -15.88
C CYS B 74 -13.34 -2.17 -14.82
N ALA B 75 -12.89 -1.00 -15.23
CA ALA B 75 -12.78 0.13 -14.32
C ALA B 75 -13.20 1.32 -15.15
N ILE B 76 -13.95 2.24 -14.56
CA ILE B 76 -14.33 3.42 -15.30
C ILE B 76 -13.80 4.68 -14.64
N ILE B 77 -12.88 5.36 -15.30
CA ILE B 77 -12.34 6.61 -14.77
C ILE B 77 -13.51 7.58 -14.89
N THR B 78 -14.02 8.07 -13.77
CA THR B 78 -15.16 8.98 -13.82
C THR B 78 -14.77 10.39 -14.22
N ARG B 79 -15.66 11.34 -13.94
CA ARG B 79 -15.41 12.72 -14.28
C ARG B 79 -16.12 13.54 -13.22
N PRO B 80 -15.38 13.92 -12.17
CA PRO B 80 -15.85 14.70 -11.03
C PRO B 80 -16.66 15.94 -11.42
N GLY B 81 -17.86 16.05 -10.86
CA GLY B 81 -18.69 17.20 -11.12
C GLY B 81 -17.93 18.41 -10.63
N ALA B 82 -17.40 18.32 -9.40
CA ALA B 82 -16.63 19.42 -8.81
C ALA B 82 -15.33 19.51 -9.58
N GLU B 83 -15.04 20.67 -10.14
CA GLU B 83 -13.83 20.85 -10.94
C GLU B 83 -12.52 20.79 -10.18
N SER B 84 -12.54 21.26 -8.93
CA SER B 84 -11.34 21.24 -8.11
C SER B 84 -10.88 19.81 -7.89
N ARG B 85 -11.72 18.85 -8.28
CA ARG B 85 -11.42 17.43 -8.12
C ARG B 85 -11.23 16.67 -9.44
N ARG B 86 -11.70 17.25 -10.54
CA ARG B 86 -11.62 16.60 -11.85
C ARG B 86 -10.24 16.07 -12.24
N GLY B 87 -9.19 16.74 -11.78
CA GLY B 87 -7.85 16.30 -12.11
C GLY B 87 -7.48 14.97 -11.47
N GLU B 88 -8.05 14.72 -10.29
CA GLU B 88 -7.78 13.48 -9.56
C GLU B 88 -7.79 12.22 -10.41
N THR B 89 -8.60 12.22 -11.46
CA THR B 89 -8.68 11.05 -12.31
C THR B 89 -7.33 10.76 -12.95
N GLU B 90 -6.63 11.81 -13.34
CA GLU B 90 -5.35 11.64 -14.02
C GLU B 90 -4.22 11.08 -13.17
N ILE B 91 -4.18 11.46 -11.90
CA ILE B 91 -3.12 10.99 -11.02
C ILE B 91 -3.35 9.58 -10.51
N ILE B 92 -4.47 8.98 -10.86
CA ILE B 92 -4.75 7.63 -10.40
C ILE B 92 -4.85 6.62 -11.54
N GLU B 93 -5.05 7.11 -12.76
CA GLU B 93 -5.18 6.21 -13.91
C GLU B 93 -4.03 5.22 -14.11
N GLU B 94 -2.83 5.59 -13.65
CA GLU B 94 -1.70 4.69 -13.80
C GLU B 94 -1.94 3.45 -12.97
N THR B 95 -2.39 3.64 -11.72
CA THR B 95 -2.65 2.54 -10.82
C THR B 95 -3.76 1.68 -11.41
N VAL B 96 -4.76 2.34 -11.98
CA VAL B 96 -5.90 1.66 -12.56
C VAL B 96 -5.46 0.83 -13.74
N GLN B 97 -4.53 1.37 -14.53
CA GLN B 97 -4.04 0.62 -15.66
C GLN B 97 -3.43 -0.69 -15.13
N ARG B 98 -2.45 -0.58 -14.24
CA ARG B 98 -1.80 -1.75 -13.67
C ARG B 98 -2.77 -2.86 -13.26
N PHE B 99 -3.96 -2.50 -12.79
CA PHE B 99 -4.95 -3.50 -12.36
C PHE B 99 -5.94 -3.93 -13.44
N TYR B 100 -6.27 -3.01 -14.34
CA TYR B 100 -7.20 -3.32 -15.41
C TYR B 100 -6.54 -3.07 -16.75
N PRO B 101 -5.47 -3.83 -17.05
CA PRO B 101 -4.78 -3.65 -18.32
C PRO B 101 -5.69 -3.86 -19.53
N GLY B 102 -5.79 -2.82 -20.37
CA GLY B 102 -6.60 -2.90 -21.56
C GLY B 102 -8.11 -2.86 -21.32
N LYS B 103 -8.51 -2.81 -20.06
CA LYS B 103 -9.92 -2.78 -19.70
C LYS B 103 -10.30 -1.55 -18.89
N VAL B 104 -9.85 -0.38 -19.35
CA VAL B 104 -10.13 0.89 -18.69
C VAL B 104 -11.03 1.78 -19.54
N GLU B 105 -12.10 2.27 -18.92
CA GLU B 105 -13.08 3.15 -19.56
C GLU B 105 -13.02 4.55 -18.92
N ARG B 106 -13.72 5.52 -19.51
CA ARG B 106 -13.70 6.86 -18.94
C ARG B 106 -14.87 7.72 -19.41
N ILE B 107 -15.38 8.56 -18.49
CA ILE B 107 -16.49 9.45 -18.79
C ILE B 107 -15.98 10.70 -19.54
N GLU B 108 -16.67 11.06 -20.60
CA GLU B 108 -16.31 12.24 -21.41
C GLU B 108 -17.33 13.35 -21.20
N ALA B 109 -16.86 14.58 -21.28
CA ALA B 109 -17.71 15.76 -21.13
C ALA B 109 -18.89 15.67 -22.09
N PRO B 110 -20.00 16.35 -21.77
CA PRO B 110 -20.21 17.20 -20.60
C PRO B 110 -20.69 16.42 -19.37
N GLY B 111 -21.04 15.15 -19.56
CA GLY B 111 -21.50 14.33 -18.45
C GLY B 111 -20.49 14.24 -17.32
N THR B 112 -20.96 14.03 -16.10
CA THR B 112 -20.06 13.93 -14.96
C THR B 112 -20.53 12.85 -14.01
N VAL B 113 -19.58 12.22 -13.34
CA VAL B 113 -19.87 11.14 -12.40
C VAL B 113 -18.85 11.06 -11.28
N GLU B 114 -19.32 10.64 -10.11
CA GLU B 114 -18.47 10.45 -8.93
C GLU B 114 -18.91 9.15 -8.32
N ALA B 115 -18.07 8.13 -8.41
CA ALA B 115 -18.37 6.80 -7.90
C ALA B 115 -19.01 6.76 -6.52
N GLY B 116 -18.97 7.89 -5.82
CA GLY B 116 -19.55 7.95 -4.50
C GLY B 116 -21.06 7.85 -4.57
N ASP B 117 -21.59 8.14 -5.76
CA ASP B 117 -23.05 8.08 -6.00
C ASP B 117 -23.46 6.71 -6.52
N ILE B 118 -22.52 5.75 -6.51
CA ILE B 118 -22.80 4.41 -6.99
C ILE B 118 -22.64 3.34 -5.93
N MET B 119 -23.63 2.45 -5.85
CA MET B 119 -23.62 1.36 -4.88
C MET B 119 -23.55 0.07 -5.69
N MET B 120 -22.64 -0.80 -5.32
CA MET B 120 -22.50 -2.03 -6.08
C MET B 120 -23.18 -3.22 -5.43
N VAL B 121 -24.24 -3.68 -6.10
CA VAL B 121 -24.97 -4.84 -5.62
C VAL B 121 -24.83 -5.92 -6.69
N GLY B 122 -24.04 -6.94 -6.37
CA GLY B 122 -23.82 -8.01 -7.31
C GLY B 122 -23.16 -7.42 -8.54
N ASP B 123 -23.83 -7.53 -9.68
CA ASP B 123 -23.31 -6.98 -10.93
C ASP B 123 -24.12 -5.76 -11.33
N HIS B 124 -24.95 -5.30 -10.40
CA HIS B 124 -25.76 -4.14 -10.66
C HIS B 124 -25.26 -2.97 -9.84
N PHE B 125 -25.32 -1.80 -10.44
CA PHE B 125 -24.86 -0.58 -9.79
C PHE B 125 -25.96 0.47 -9.83
N TYR B 126 -26.37 0.94 -8.65
CA TYR B 126 -27.38 1.98 -8.57
C TYR B 126 -26.68 3.31 -8.63
N ILE B 127 -27.06 4.14 -9.58
CA ILE B 127 -26.43 5.44 -9.75
C ILE B 127 -27.33 6.59 -9.37
N GLY B 128 -27.22 7.08 -8.14
CA GLY B 128 -28.06 8.18 -7.72
C GLY B 128 -27.61 9.48 -8.38
N GLU B 129 -28.56 10.29 -8.84
CA GLU B 129 -28.20 11.56 -9.47
C GLU B 129 -28.00 12.63 -8.42
N SER B 130 -26.96 13.44 -8.60
CA SER B 130 -26.65 14.50 -7.64
C SER B 130 -26.08 15.69 -8.40
N ALA B 131 -25.52 16.64 -7.65
CA ALA B 131 -24.92 17.82 -8.26
C ALA B 131 -23.60 17.38 -8.90
N ARG B 132 -23.05 16.29 -8.40
CA ARG B 132 -21.78 15.76 -8.85
C ARG B 132 -21.92 14.76 -9.99
N THR B 133 -23.06 14.11 -10.05
CA THR B 133 -23.34 13.12 -11.09
C THR B 133 -24.57 13.48 -11.91
N ASN B 134 -24.38 14.16 -13.03
CA ASN B 134 -25.51 14.57 -13.86
C ASN B 134 -26.04 13.46 -14.76
N ALA B 135 -27.21 13.71 -15.34
CA ALA B 135 -27.90 12.79 -16.23
C ALA B 135 -27.03 12.18 -17.30
N GLU B 136 -26.35 13.03 -18.06
CA GLU B 136 -25.46 12.57 -19.13
C GLU B 136 -24.42 11.58 -18.57
N GLY B 137 -23.71 12.01 -17.51
CA GLY B 137 -22.70 11.17 -16.90
C GLY B 137 -23.25 9.78 -16.60
N ALA B 138 -24.29 9.71 -15.77
CA ALA B 138 -24.88 8.44 -15.40
C ALA B 138 -25.25 7.60 -16.64
N ARG B 139 -25.71 8.28 -17.68
CA ARG B 139 -26.08 7.61 -18.91
C ARG B 139 -24.88 6.87 -19.49
N GLN B 140 -23.78 7.59 -19.71
CA GLN B 140 -22.57 6.98 -20.26
C GLN B 140 -22.15 5.81 -19.40
N MET B 141 -22.31 5.97 -18.08
CA MET B 141 -21.91 4.93 -17.14
C MET B 141 -22.67 3.64 -17.40
N ILE B 142 -23.98 3.72 -17.36
CA ILE B 142 -24.81 2.54 -17.61
C ILE B 142 -24.46 1.98 -18.99
N ALA B 143 -24.10 2.89 -19.90
CA ALA B 143 -23.73 2.50 -21.26
C ALA B 143 -22.51 1.59 -21.18
N ILE B 144 -21.52 2.02 -20.40
CA ILE B 144 -20.28 1.26 -20.23
C ILE B 144 -20.51 -0.03 -19.46
N LEU B 145 -21.26 0.06 -18.37
CA LEU B 145 -21.55 -1.14 -17.57
C LEU B 145 -22.17 -2.17 -18.48
N GLU B 146 -23.12 -1.71 -19.28
CA GLU B 146 -23.81 -2.61 -20.20
C GLU B 146 -22.83 -3.25 -21.18
N LYS B 147 -21.97 -2.42 -21.77
CA LYS B 147 -20.98 -2.90 -22.73
C LYS B 147 -20.20 -4.12 -22.23
N HIS B 148 -19.83 -4.11 -20.96
CA HIS B 148 -19.06 -5.22 -20.38
C HIS B 148 -19.96 -6.22 -19.67
N GLY B 149 -21.16 -6.42 -20.21
CA GLY B 149 -22.09 -7.37 -19.61
C GLY B 149 -22.59 -7.06 -18.22
N LEU B 150 -22.66 -5.78 -17.88
CA LEU B 150 -23.11 -5.36 -16.56
C LEU B 150 -24.31 -4.42 -16.63
N SER B 151 -25.03 -4.29 -15.51
CA SER B 151 -26.22 -3.45 -15.44
C SER B 151 -26.06 -2.24 -14.49
N GLY B 152 -27.07 -1.38 -14.46
CA GLY B 152 -26.99 -0.22 -13.58
C GLY B 152 -28.16 0.75 -13.66
N SER B 153 -29.08 0.66 -12.70
CA SER B 153 -30.25 1.55 -12.66
C SER B 153 -29.88 2.94 -12.15
N VAL B 154 -30.88 3.80 -12.04
CA VAL B 154 -30.67 5.16 -11.55
C VAL B 154 -31.60 5.36 -10.35
N VAL B 155 -31.16 6.20 -9.41
CA VAL B 155 -31.96 6.47 -8.23
C VAL B 155 -32.09 7.98 -8.05
N ARG B 156 -33.28 8.44 -7.65
CA ARG B 156 -33.50 9.87 -7.47
C ARG B 156 -33.28 10.31 -6.04
N LEU B 157 -32.48 11.39 -5.92
CA LEU B 157 -32.11 11.96 -4.64
C LEU B 157 -32.94 13.16 -4.23
N GLU B 158 -33.53 13.06 -3.05
CA GLU B 158 -34.35 14.13 -2.47
C GLU B 158 -33.48 14.99 -1.55
N LYS B 159 -33.13 14.42 -0.40
CA LYS B 159 -32.31 15.08 0.62
C LYS B 159 -30.81 14.89 0.43
N VAL B 160 -30.31 13.69 0.77
CA VAL B 160 -28.88 13.38 0.66
C VAL B 160 -28.25 13.89 -0.62
N LEU B 161 -27.03 14.41 -0.54
CA LEU B 161 -26.35 14.92 -1.73
C LEU B 161 -25.68 13.80 -2.53
N GLY B 162 -25.29 12.71 -1.84
CA GLY B 162 -24.67 11.59 -2.51
C GLY B 162 -25.42 10.30 -2.26
N LEU B 163 -25.31 9.35 -3.17
CA LEU B 163 -26.00 8.08 -3.01
C LEU B 163 -25.60 7.28 -1.76
N LYS B 164 -24.33 6.87 -1.65
CA LYS B 164 -23.91 6.07 -0.50
C LYS B 164 -23.71 6.85 0.81
N THR B 165 -24.46 7.93 0.95
CA THR B 165 -24.43 8.78 2.14
C THR B 165 -25.46 8.30 3.17
N GLY B 166 -26.48 7.60 2.67
CA GLY B 166 -27.51 7.09 3.54
C GLY B 166 -27.75 5.62 3.26
N LEU B 167 -26.86 5.04 2.44
CA LEU B 167 -26.94 3.64 2.09
C LEU B 167 -25.60 2.92 2.12
N ALA B 168 -25.67 1.62 2.32
CA ALA B 168 -24.49 0.79 2.38
C ALA B 168 -24.90 -0.67 2.16
N TYR B 169 -24.41 -1.28 1.08
CA TYR B 169 -24.76 -2.66 0.82
C TYR B 169 -23.69 -3.57 1.46
N LEU B 170 -24.08 -4.24 2.55
CA LEU B 170 -23.16 -5.12 3.26
C LEU B 170 -23.21 -6.55 2.80
N GLU B 171 -23.62 -6.76 1.55
CA GLU B 171 -23.73 -8.10 0.97
C GLU B 171 -24.86 -8.85 1.64
N HIS B 172 -25.03 -10.10 1.22
CA HIS B 172 -26.08 -10.97 1.77
C HIS B 172 -27.45 -10.28 1.86
N ASN B 173 -27.75 -9.50 0.81
CA ASN B 173 -29.01 -8.78 0.74
C ASN B 173 -29.24 -7.96 2.01
N ASN B 174 -28.19 -7.30 2.48
CA ASN B 174 -28.30 -6.48 3.67
C ASN B 174 -27.99 -5.06 3.27
N LEU B 175 -28.94 -4.17 3.53
CA LEU B 175 -28.74 -2.79 3.18
C LEU B 175 -28.86 -1.89 4.40
N LEU B 176 -28.05 -0.85 4.43
CA LEU B 176 -28.11 0.11 5.52
C LEU B 176 -28.80 1.30 4.89
N ALA B 177 -29.90 1.73 5.51
CA ALA B 177 -30.64 2.85 5.00
C ALA B 177 -30.89 3.89 6.08
N ALA B 178 -30.79 5.15 5.68
CA ALA B 178 -31.02 6.27 6.58
C ALA B 178 -31.75 7.37 5.83
N GLY B 179 -32.54 8.16 6.57
CA GLY B 179 -33.29 9.25 5.98
C GLY B 179 -34.38 8.73 5.07
N GLU B 180 -34.48 9.30 3.87
CA GLU B 180 -35.48 8.90 2.89
C GLU B 180 -35.35 7.42 2.57
N PHE B 181 -34.25 7.07 1.91
CA PHE B 181 -33.91 5.71 1.49
C PHE B 181 -34.61 4.53 2.16
N VAL B 182 -34.89 4.64 3.46
CA VAL B 182 -35.53 3.56 4.20
C VAL B 182 -36.78 2.93 3.55
N SER B 183 -37.55 3.72 2.80
CA SER B 183 -38.76 3.23 2.15
C SER B 183 -38.74 3.40 0.63
N LYS B 184 -37.57 3.74 0.09
CA LYS B 184 -37.45 3.93 -1.35
C LYS B 184 -37.73 2.61 -2.06
N PRO B 185 -38.78 2.58 -2.89
CA PRO B 185 -39.23 1.42 -3.65
C PRO B 185 -38.11 0.47 -4.08
N GLU B 186 -37.19 0.96 -4.90
CA GLU B 186 -36.07 0.17 -5.43
C GLU B 186 -35.53 -0.91 -4.50
N PHE B 187 -35.32 -0.56 -3.23
CA PHE B 187 -34.75 -1.50 -2.28
C PHE B 187 -35.71 -2.13 -1.28
N GLN B 188 -36.80 -2.72 -1.75
CA GLN B 188 -37.70 -3.34 -0.81
C GLN B 188 -37.44 -4.83 -0.66
N ASP B 189 -36.68 -5.38 -1.61
CA ASP B 189 -36.33 -6.80 -1.59
C ASP B 189 -35.04 -7.01 -0.81
N PHE B 190 -34.56 -5.97 -0.14
CA PHE B 190 -33.34 -6.04 0.65
C PHE B 190 -33.71 -6.05 2.12
N ASN B 191 -32.83 -6.61 2.93
CA ASN B 191 -33.07 -6.63 4.35
C ASN B 191 -32.66 -5.26 4.89
N ILE B 192 -33.49 -4.26 4.58
CA ILE B 192 -33.22 -2.90 5.02
C ILE B 192 -32.98 -2.77 6.52
N ILE B 193 -31.85 -2.18 6.87
CA ILE B 193 -31.49 -1.98 8.26
C ILE B 193 -31.54 -0.49 8.53
N GLU B 194 -32.56 -0.05 9.26
CA GLU B 194 -32.71 1.37 9.55
C GLU B 194 -31.66 1.97 10.47
N ILE B 195 -31.20 3.16 10.08
CA ILE B 195 -30.20 3.90 10.83
C ILE B 195 -30.91 5.11 11.44
N PRO B 196 -30.95 5.21 12.78
CA PRO B 196 -31.60 6.32 13.47
C PRO B 196 -30.98 7.67 13.13
N GLU B 197 -31.80 8.71 13.11
CA GLU B 197 -31.34 10.07 12.78
C GLU B 197 -29.97 10.50 13.32
N GLU B 198 -29.84 10.59 14.63
CA GLU B 198 -28.58 11.00 15.24
C GLU B 198 -27.36 10.20 14.76
N GLU B 199 -27.59 9.01 14.23
CA GLU B 199 -26.51 8.16 13.73
C GLU B 199 -26.52 7.97 12.22
N SER B 200 -27.16 8.86 11.48
CA SER B 200 -27.24 8.72 10.02
C SER B 200 -25.88 8.68 9.29
N TYR B 201 -24.83 9.15 9.96
CA TYR B 201 -23.48 9.16 9.37
C TYR B 201 -22.98 7.73 9.25
N ALA B 202 -23.36 6.88 10.21
CA ALA B 202 -22.92 5.50 10.19
C ALA B 202 -23.57 4.74 9.05
N ALA B 203 -24.40 5.41 8.26
CA ALA B 203 -25.07 4.75 7.13
C ALA B 203 -24.01 4.45 6.07
N ASN B 204 -22.85 5.10 6.22
CA ASN B 204 -21.73 4.92 5.32
C ASN B 204 -20.68 4.03 5.98
N CYS B 205 -20.76 2.74 5.66
CA CYS B 205 -19.84 1.74 6.15
C CYS B 205 -19.37 1.00 4.92
N ILE B 206 -18.44 0.09 5.10
CA ILE B 206 -17.99 -0.69 3.98
C ILE B 206 -17.87 -2.15 4.40
N TRP B 207 -18.23 -3.02 3.47
CA TRP B 207 -18.16 -4.45 3.66
C TRP B 207 -16.89 -4.87 2.98
N VAL B 208 -15.98 -5.48 3.73
CA VAL B 208 -14.73 -5.97 3.16
C VAL B 208 -14.57 -7.41 3.59
N ASN B 209 -14.59 -8.32 2.62
CA ASN B 209 -14.43 -9.73 2.90
C ASN B 209 -14.97 -10.15 4.27
N GLU B 210 -16.28 -9.99 4.44
CA GLU B 210 -16.99 -10.35 5.67
C GLU B 210 -16.70 -9.53 6.91
N ARG B 211 -15.78 -8.58 6.82
CA ARG B 211 -15.51 -7.70 7.94
C ARG B 211 -16.34 -6.49 7.55
N VAL B 212 -16.65 -5.62 8.51
CA VAL B 212 -17.40 -4.42 8.15
C VAL B 212 -16.79 -3.27 8.89
N ILE B 213 -16.25 -2.30 8.15
CA ILE B 213 -15.63 -1.14 8.77
C ILE B 213 -16.60 0.02 8.84
N MET B 214 -16.68 0.63 10.01
CA MET B 214 -17.60 1.74 10.23
C MET B 214 -16.97 2.81 11.09
N PRO B 215 -17.57 4.02 11.13
CA PRO B 215 -17.04 5.11 11.92
C PRO B 215 -17.23 4.80 13.39
N ALA B 216 -16.34 5.33 14.23
CA ALA B 216 -16.44 5.06 15.66
C ALA B 216 -17.46 6.01 16.23
N GLY B 217 -18.15 5.56 17.28
CA GLY B 217 -19.15 6.40 17.94
C GLY B 217 -20.60 6.27 17.54
N TYR B 218 -20.94 5.19 16.84
CA TYR B 218 -22.33 4.97 16.40
C TYR B 218 -22.78 3.57 16.85
N PRO B 219 -22.89 3.38 18.18
CA PRO B 219 -23.29 2.14 18.88
C PRO B 219 -24.52 1.43 18.35
N ARG B 220 -25.66 2.10 18.42
CA ARG B 220 -26.92 1.52 17.95
C ARG B 220 -26.68 0.85 16.60
N THR B 221 -26.28 1.65 15.62
CA THR B 221 -26.00 1.16 14.27
C THR B 221 -24.94 0.07 14.33
N ARG B 222 -23.93 0.31 15.14
CA ARG B 222 -22.86 -0.65 15.29
C ARG B 222 -23.45 -1.98 15.73
N GLU B 223 -24.28 -1.92 16.76
CA GLU B 223 -24.92 -3.11 17.30
C GLU B 223 -25.58 -3.95 16.22
N LYS B 224 -26.54 -3.35 15.51
CA LYS B 224 -27.25 -4.04 14.43
C LYS B 224 -26.30 -4.77 13.48
N ILE B 225 -25.14 -4.19 13.24
CA ILE B 225 -24.18 -4.82 12.32
C ILE B 225 -23.56 -6.06 12.92
N ALA B 226 -23.08 -5.95 14.17
CA ALA B 226 -22.51 -7.09 14.85
C ALA B 226 -23.61 -8.12 14.85
N ARG B 227 -24.83 -7.65 15.07
CA ARG B 227 -26.02 -8.48 15.09
C ARG B 227 -25.89 -9.53 13.98
N LEU B 228 -25.89 -9.06 12.74
CA LEU B 228 -25.79 -9.91 11.56
C LEU B 228 -24.57 -10.84 11.54
N GLY B 229 -23.71 -10.73 12.56
CA GLY B 229 -22.54 -11.59 12.63
C GLY B 229 -21.31 -11.15 11.86
N TYR B 230 -21.24 -9.87 11.50
CA TYR B 230 -20.09 -9.36 10.78
C TYR B 230 -19.05 -8.98 11.84
N ARG B 231 -17.79 -9.29 11.57
CA ARG B 231 -16.73 -8.92 12.53
C ARG B 231 -16.57 -7.41 12.35
N VAL B 232 -17.41 -6.65 13.04
CA VAL B 232 -17.37 -5.19 12.94
C VAL B 232 -16.02 -4.59 13.37
N ILE B 233 -15.63 -3.50 12.72
CA ILE B 233 -14.39 -2.79 13.05
C ILE B 233 -14.67 -1.30 13.04
N GLU B 234 -14.48 -0.66 14.18
CA GLU B 234 -14.73 0.76 14.29
C GLU B 234 -13.50 1.61 14.08
N VAL B 235 -13.63 2.65 13.27
CA VAL B 235 -12.54 3.57 13.00
C VAL B 235 -13.08 4.98 13.10
N ASP B 236 -12.43 5.84 13.87
CA ASP B 236 -12.89 7.21 14.03
C ASP B 236 -12.45 8.03 12.85
N THR B 237 -13.42 8.56 12.12
CA THR B 237 -13.17 9.38 10.93
C THR B 237 -13.67 10.81 11.06
N SER B 238 -14.09 11.18 12.26
CA SER B 238 -14.63 12.50 12.55
C SER B 238 -14.09 13.60 11.64
N GLU B 239 -12.77 13.67 11.51
CA GLU B 239 -12.15 14.69 10.68
C GLU B 239 -12.55 14.63 9.20
N TYR B 240 -13.01 13.48 8.72
CA TYR B 240 -13.41 13.40 7.34
C TYR B 240 -14.87 13.74 7.29
N ARG B 241 -15.56 13.52 8.39
CA ARG B 241 -16.96 13.86 8.49
C ARG B 241 -17.11 15.35 8.30
N LYS B 242 -16.07 16.10 8.66
CA LYS B 242 -16.12 17.55 8.52
C LYS B 242 -16.24 17.96 7.07
N ILE B 243 -15.84 17.09 6.16
CA ILE B 243 -15.97 17.43 4.75
C ILE B 243 -16.73 16.36 3.98
N ASP B 244 -17.78 15.86 4.63
CA ASP B 244 -18.68 14.86 4.07
C ASP B 244 -17.96 13.61 3.57
N GLY B 245 -16.96 13.16 4.32
CA GLY B 245 -16.23 11.98 3.93
C GLY B 245 -16.30 10.90 4.98
N GLY B 246 -16.27 9.66 4.51
CA GLY B 246 -16.33 8.52 5.40
C GLY B 246 -15.54 7.34 4.89
N VAL B 247 -15.72 6.20 5.56
CA VAL B 247 -15.03 4.98 5.22
C VAL B 247 -15.14 4.55 3.78
N SER B 248 -16.33 4.67 3.18
CA SER B 248 -16.45 4.22 1.80
C SER B 248 -15.71 5.15 0.90
N CYS B 249 -15.77 6.44 1.24
CA CYS B 249 -15.16 7.51 0.46
C CYS B 249 -13.62 7.41 0.35
N MET B 250 -13.00 6.78 1.35
CA MET B 250 -11.55 6.65 1.43
C MET B 250 -10.88 5.42 0.83
N SER B 251 -11.51 4.76 -0.13
CA SER B 251 -10.90 3.60 -0.75
C SER B 251 -11.70 2.99 -1.89
N LEU B 252 -10.97 2.26 -2.74
CA LEU B 252 -11.54 1.57 -3.89
C LEU B 252 -11.39 0.10 -3.54
N ARG B 253 -12.46 -0.67 -3.69
CA ARG B 253 -12.40 -2.09 -3.34
C ARG B 253 -12.81 -2.96 -4.51
N PHE B 254 -11.98 -3.96 -4.83
CA PHE B 254 -12.26 -4.84 -5.94
C PHE B 254 -11.50 -6.17 -5.87
C2 SMZ C . 15.90 -13.04 8.15
O2 SMZ C . 17.59 -14.73 8.32
C4 SMZ C . 17.59 -11.38 7.07
C5 SMZ C . 16.69 -10.37 6.32
O1 SMZ C . 15.96 -15.01 6.86
C1 SMZ C . 16.55 -14.36 7.73
N2 SMZ C . 15.16 -13.31 9.39
C3 SMZ C . 16.97 -11.93 8.38
N6 SMZ C . 17.38 -9.89 5.11
C7 SMZ C . 17.64 -8.62 4.77
N8 SMZ C . 18.26 -8.40 3.63
C2 SMZ D . -15.81 15.09 -0.44
O2 SMZ D . -16.74 17.06 -1.30
C4 SMZ D . -17.51 13.18 -0.57
C5 SMZ D . -16.65 11.91 -0.53
O1 SMZ D . -16.65 15.29 -2.66
C1 SMZ D . -16.45 15.87 -1.56
N2 SMZ D . -15.18 16.07 0.46
C3 SMZ D . -16.91 14.31 0.30
N6 SMZ D . -17.43 10.84 -1.16
C7 SMZ D . -17.77 9.72 -0.56
N8 SMZ D . -18.47 8.85 -1.25
#